data_4FNB
#
_entry.id   4FNB
#
_cell.length_a   70.136
_cell.length_b   70.136
_cell.length_c   151.557
_cell.angle_alpha   90.00
_cell.angle_beta   90.00
_cell.angle_gamma   120.00
#
_symmetry.space_group_name_H-M   'P 63 2 2'
#
loop_
_entity.id
_entity.type
_entity.pdbx_description
1 polymer 'Enoyl-CoA hydratase/isomerase family protein'
2 non-polymer 'SULFATE ION'
3 non-polymer '3-HYDROXYBUTANOYL-COENZYME A'
4 water water
#
_entity_poly.entity_id   1
_entity_poly.type   'polypeptide(L)'
_entity_poly.pdbx_seq_one_letter_code
;SMSDPVSYTRKDSIAVISMDDGKVNALGPAMQQALNAAIDNADRDDVGALVITGNGRVFSGGFDLKILTSGEVQPAIDML
RGGFELAYRLLSYPKPVVMACTGHAIAMGAFLLSCGDHRVAAHAYNIQANEVAIGMTIPYAALEIMKLRLTRSAYQQATG
LAKTFFGETALAAGFIDEIALPEVVVSRAEEAAREFAGLNQHAHAATKLRSRADALTAIRAGIDGIAAEFGL
;
_entity_poly.pdbx_strand_id   A
#
# COMPACT_ATOMS: atom_id res chain seq x y z
N SER A 1 -3.77 18.42 3.53
CA SER A 1 -3.72 19.33 2.39
C SER A 1 -2.61 18.88 1.45
N MET A 2 -2.54 19.49 0.28
CA MET A 2 -1.57 19.09 -0.72
C MET A 2 -0.11 19.28 -0.25
N SER A 3 0.14 20.31 0.55
CA SER A 3 1.49 20.60 1.01
C SER A 3 1.81 19.90 2.34
N ASP A 4 0.76 19.45 3.02
CA ASP A 4 0.89 18.78 4.31
C ASP A 4 0.03 17.52 4.28
N PRO A 5 0.45 16.52 3.50
CA PRO A 5 -0.43 15.41 3.14
C PRO A 5 -0.49 14.24 4.15
N VAL A 6 0.34 14.26 5.20
CA VAL A 6 0.40 13.11 6.12
C VAL A 6 0.36 13.58 7.57
N SER A 7 -0.43 12.89 8.40
CA SER A 7 -0.36 13.16 9.84
C SER A 7 0.09 11.91 10.58
N TYR A 8 0.75 12.12 11.70
CA TYR A 8 1.26 11.03 12.51
C TYR A 8 0.74 11.23 13.92
N THR A 9 0.06 10.20 14.44
CA THR A 9 -0.50 10.29 15.78
C THR A 9 -0.20 9.04 16.57
N ARG A 10 0.41 9.22 17.73
CA ARG A 10 0.69 8.08 18.57
C ARG A 10 -0.48 7.84 19.51
N LYS A 11 -0.98 6.61 19.52
CA LYS A 11 -2.02 6.18 20.45
C LYS A 11 -1.50 4.97 21.22
N ASP A 12 -1.11 5.18 22.47
CA ASP A 12 -0.55 4.11 23.30
C ASP A 12 0.44 3.22 22.56
N SER A 13 0.04 1.99 22.24
CA SER A 13 0.96 1.01 21.66
C SER A 13 1.02 1.04 20.15
N ILE A 14 0.28 1.95 19.52
CA ILE A 14 0.28 2.01 18.06
C ILE A 14 0.61 3.42 17.56
N ALA A 15 0.91 3.53 16.28
CA ALA A 15 1.02 4.83 15.65
C ALA A 15 0.09 4.82 14.47
N VAL A 16 -0.59 5.93 14.25
CA VAL A 16 -1.54 6.05 13.16
C VAL A 16 -1.04 7.11 12.18
N ILE A 17 -0.80 6.67 10.95
CA ILE A 17 -0.32 7.52 9.88
C ILE A 17 -1.46 7.70 8.90
N SER A 18 -1.88 8.95 8.69
CA SER A 18 -3.06 9.22 7.87
C SER A 18 -2.71 10.08 6.67
N MET A 19 -3.09 9.60 5.48
CA MET A 19 -2.90 10.36 4.26
C MET A 19 -4.15 11.18 3.99
N ASP A 20 -3.96 12.48 3.80
CA ASP A 20 -5.04 13.33 3.30
C ASP A 20 -4.44 14.55 2.62
N ASP A 21 -4.26 14.43 1.30
CA ASP A 21 -3.74 15.55 0.52
C ASP A 21 -4.87 16.46 0.03
N GLY A 22 -6.05 16.29 0.62
CA GLY A 22 -7.23 17.06 0.25
C GLY A 22 -7.87 16.64 -1.06
N LYS A 23 -7.34 15.57 -1.65
CA LYS A 23 -7.83 15.11 -2.95
C LYS A 23 -7.85 13.59 -2.95
N VAL A 24 -7.07 12.98 -3.85
CA VAL A 24 -7.05 11.52 -3.91
C VAL A 24 -5.76 10.84 -3.42
N ASN A 25 -5.02 11.52 -2.53
CA ASN A 25 -3.84 10.92 -1.94
C ASN A 25 -2.86 10.37 -2.97
N ALA A 26 -2.61 11.15 -4.01
CA ALA A 26 -1.69 10.74 -5.04
C ALA A 26 -0.31 10.50 -4.43
N LEU A 27 0.34 9.42 -4.83
CA LEU A 27 1.64 9.05 -4.25
C LEU A 27 2.81 9.66 -5.02
N GLY A 28 2.81 10.99 -5.08
CA GLY A 28 3.93 11.72 -5.64
C GLY A 28 5.08 11.84 -4.66
N PRO A 29 6.14 12.54 -5.09
CA PRO A 29 7.35 12.75 -4.30
C PRO A 29 7.10 13.34 -2.91
N ALA A 30 6.24 14.35 -2.82
CA ALA A 30 5.98 14.99 -1.53
C ALA A 30 5.22 14.05 -0.58
N MET A 31 4.29 13.28 -1.13
CA MET A 31 3.57 12.29 -0.34
C MET A 31 4.51 11.17 0.12
N GLN A 32 5.35 10.67 -0.78
CA GLN A 32 6.28 9.61 -0.42
C GLN A 32 7.22 10.09 0.68
N GLN A 33 7.71 11.32 0.55
CA GLN A 33 8.61 11.88 1.55
C GLN A 33 7.92 11.96 2.91
N ALA A 34 6.69 12.47 2.91
CA ALA A 34 5.92 12.61 4.15
C ALA A 34 5.64 11.25 4.79
N LEU A 35 5.29 10.26 3.96
CA LEU A 35 5.08 8.91 4.46
C LEU A 35 6.36 8.31 5.03
N ASN A 36 7.49 8.50 4.34
CA ASN A 36 8.75 7.97 4.85
C ASN A 36 9.14 8.65 6.15
N ALA A 37 8.85 9.95 6.27
CA ALA A 37 9.16 10.68 7.50
C ALA A 37 8.26 10.22 8.66
N ALA A 38 7.00 9.91 8.35
CA ALA A 38 6.07 9.37 9.35
C ALA A 38 6.49 7.98 9.84
N ILE A 39 6.89 7.12 8.92
CA ILE A 39 7.44 5.83 9.30
C ILE A 39 8.76 6.01 10.09
N ASP A 40 9.57 6.99 9.72
CA ASP A 40 10.76 7.29 10.54
C ASP A 40 10.36 7.60 11.97
N ASN A 41 9.27 8.36 12.13
CA ASN A 41 8.74 8.67 13.45
C ASN A 41 8.35 7.42 14.21
N ALA A 42 7.68 6.50 13.51
CA ALA A 42 7.30 5.25 14.15
C ALA A 42 8.53 4.46 14.58
N ASP A 43 9.58 4.50 13.76
CA ASP A 43 10.84 3.82 14.08
C ASP A 43 11.48 4.37 15.35
N ARG A 44 11.52 5.69 15.47
CA ARG A 44 12.08 6.36 16.65
C ARG A 44 11.25 6.10 17.91
N ASP A 45 9.93 6.10 17.76
CA ASP A 45 9.02 5.88 18.88
C ASP A 45 8.90 4.40 19.24
N ASP A 46 9.42 3.54 18.38
CA ASP A 46 9.41 2.10 18.62
C ASP A 46 8.03 1.58 19.01
N VAL A 47 7.04 1.87 18.16
CA VAL A 47 5.65 1.54 18.47
C VAL A 47 5.39 0.05 18.29
N GLY A 48 4.30 -0.44 18.87
CA GLY A 48 3.97 -1.85 18.80
C GLY A 48 3.37 -2.26 17.46
N ALA A 49 2.70 -1.32 16.80
CA ALA A 49 2.12 -1.58 15.48
C ALA A 49 1.77 -0.29 14.77
N LEU A 50 1.68 -0.38 13.43
CA LEU A 50 1.45 0.77 12.57
C LEU A 50 0.07 0.66 11.93
N VAL A 51 -0.67 1.77 11.92
CA VAL A 51 -1.88 1.83 11.12
C VAL A 51 -1.68 2.89 10.04
N ILE A 52 -2.00 2.56 8.80
CA ILE A 52 -1.96 3.56 7.73
C ILE A 52 -3.35 3.72 7.11
N THR A 53 -3.83 4.96 7.08
CA THR A 53 -5.17 5.25 6.58
C THR A 53 -5.13 6.17 5.36
N GLY A 54 -6.21 6.20 4.59
CA GLY A 54 -6.41 7.20 3.56
C GLY A 54 -7.27 8.33 4.13
N ASN A 55 -8.04 9.00 3.26
CA ASN A 55 -8.97 10.03 3.74
C ASN A 55 -10.42 9.57 3.55
N GLY A 56 -11.37 10.50 3.60
CA GLY A 56 -12.77 10.10 3.50
C GLY A 56 -13.21 9.76 2.08
N ARG A 57 -12.38 10.11 1.12
CA ARG A 57 -12.69 9.90 -0.29
C ARG A 57 -12.02 8.65 -0.85
N VAL A 58 -10.75 8.45 -0.51
CA VAL A 58 -9.99 7.30 -1.03
C VAL A 58 -9.01 6.76 -0.01
N PHE A 59 -8.51 5.54 -0.25
CA PHE A 59 -7.25 5.16 0.36
C PHE A 59 -6.18 5.92 -0.44
N SER A 60 -6.09 5.61 -1.74
CA SER A 60 -5.19 6.34 -2.62
C SER A 60 -5.47 6.04 -4.08
N GLY A 61 -5.45 7.09 -4.90
CA GLY A 61 -5.58 6.94 -6.34
C GLY A 61 -4.27 6.58 -7.04
N GLY A 62 -3.23 6.29 -6.26
CA GLY A 62 -1.99 5.79 -6.83
C GLY A 62 -0.97 6.87 -7.17
N PHE A 63 -0.01 6.56 -8.03
CA PHE A 63 0.99 7.54 -8.43
C PHE A 63 0.36 8.81 -9.01
N ASP A 64 1.07 9.94 -8.84
CA ASP A 64 0.61 11.26 -9.30
C ASP A 64 0.59 11.29 -10.82
N LEU A 65 -0.60 11.37 -11.38
CA LEU A 65 -0.79 11.34 -12.83
C LEU A 65 -0.05 12.48 -13.54
N LYS A 66 0.00 13.64 -12.89
CA LYS A 66 0.65 14.82 -13.48
C LYS A 66 2.12 14.55 -13.77
N ILE A 67 2.81 13.97 -12.81
CA ILE A 67 4.21 13.63 -12.99
C ILE A 67 4.40 12.56 -14.06
N LEU A 68 3.47 11.61 -14.10
CA LEU A 68 3.55 10.52 -15.07
C LEU A 68 3.36 10.98 -16.52
N THR A 69 2.48 11.96 -16.71
CA THR A 69 2.12 12.42 -18.05
C THR A 69 2.77 13.76 -18.40
N SER A 70 3.89 14.08 -17.76
CA SER A 70 4.50 15.41 -17.92
C SER A 70 5.48 15.50 -19.08
N GLY A 71 5.82 14.36 -19.67
CA GLY A 71 6.81 14.33 -20.73
C GLY A 71 8.25 14.28 -20.24
N GLU A 72 8.43 14.32 -18.93
CA GLU A 72 9.76 14.24 -18.33
C GLU A 72 9.97 12.85 -17.71
N VAL A 73 10.80 12.04 -18.35
CA VAL A 73 10.93 10.63 -17.97
C VAL A 73 11.51 10.38 -16.58
N GLN A 74 12.54 11.14 -16.22
CA GLN A 74 13.30 10.86 -15.01
C GLN A 74 12.54 11.04 -13.69
N PRO A 75 11.80 12.15 -13.55
CA PRO A 75 10.95 12.32 -12.37
C PRO A 75 9.91 11.21 -12.27
N ALA A 76 9.43 10.76 -13.43
CA ALA A 76 8.43 9.68 -13.48
C ALA A 76 9.03 8.38 -12.93
N ILE A 77 10.24 8.05 -13.39
CA ILE A 77 10.92 6.84 -12.93
C ILE A 77 11.34 6.90 -11.46
N ASP A 78 11.82 8.07 -11.00
CA ASP A 78 12.15 8.26 -9.59
C ASP A 78 10.91 8.09 -8.71
N MET A 79 9.79 8.61 -9.17
CA MET A 79 8.55 8.50 -8.41
C MET A 79 8.11 7.03 -8.30
N LEU A 80 8.18 6.32 -9.43
CA LEU A 80 7.86 4.88 -9.41
C LEU A 80 8.77 4.11 -8.46
N ARG A 81 10.07 4.31 -8.61
CA ARG A 81 11.04 3.68 -7.74
C ARG A 81 10.76 3.96 -6.26
N GLY A 82 10.52 5.22 -5.92
CA GLY A 82 10.24 5.59 -4.54
C GLY A 82 8.98 4.92 -4.01
N GLY A 83 7.98 4.80 -4.87
CA GLY A 83 6.73 4.19 -4.47
C GLY A 83 6.93 2.72 -4.16
N PHE A 84 7.65 2.02 -5.02
CA PHE A 84 7.87 0.59 -4.80
C PHE A 84 8.85 0.36 -3.65
N GLU A 85 9.77 1.30 -3.43
CA GLU A 85 10.66 1.22 -2.25
C GLU A 85 9.85 1.30 -0.95
N LEU A 86 8.87 2.21 -0.93
CA LEU A 86 7.98 2.36 0.21
C LEU A 86 7.21 1.06 0.45
N ALA A 87 6.74 0.45 -0.63
CA ALA A 87 6.05 -0.84 -0.54
C ALA A 87 6.96 -1.88 0.11
N TYR A 88 8.21 -1.91 -0.36
CA TYR A 88 9.19 -2.85 0.16
C TYR A 88 9.44 -2.57 1.65
N ARG A 89 9.57 -1.30 2.01
CA ARG A 89 9.74 -0.92 3.41
C ARG A 89 8.61 -1.43 4.31
N LEU A 90 7.38 -1.33 3.83
CA LEU A 90 6.23 -1.74 4.64
C LEU A 90 6.10 -3.27 4.73
N LEU A 91 6.34 -3.94 3.61
CA LEU A 91 6.29 -5.41 3.58
C LEU A 91 7.34 -6.07 4.47
N SER A 92 8.46 -5.38 4.67
CA SER A 92 9.55 -5.94 5.49
C SER A 92 9.59 -5.29 6.88
N TYR A 93 8.60 -4.45 7.18
CA TYR A 93 8.58 -3.73 8.46
C TYR A 93 8.53 -4.69 9.65
N PRO A 94 9.33 -4.42 10.70
CA PRO A 94 9.45 -5.39 11.80
C PRO A 94 8.27 -5.36 12.77
N LYS A 95 7.34 -4.42 12.60
CA LYS A 95 6.14 -4.38 13.43
C LYS A 95 4.94 -4.69 12.54
N PRO A 96 3.85 -5.19 13.14
CA PRO A 96 2.62 -5.38 12.36
C PRO A 96 2.14 -4.06 11.72
N VAL A 97 1.77 -4.13 10.45
CA VAL A 97 1.25 -2.98 9.72
C VAL A 97 -0.20 -3.24 9.32
N VAL A 98 -1.10 -2.35 9.72
CA VAL A 98 -2.50 -2.52 9.43
C VAL A 98 -2.97 -1.39 8.53
N MET A 99 -3.57 -1.74 7.40
CA MET A 99 -4.07 -0.73 6.47
C MET A 99 -5.55 -0.46 6.70
N ALA A 100 -5.88 0.81 6.86
CA ALA A 100 -7.26 1.22 6.96
C ALA A 100 -7.63 1.78 5.59
N CYS A 101 -8.26 0.92 4.78
CA CYS A 101 -8.65 1.29 3.43
C CYS A 101 -9.96 2.06 3.50
N THR A 102 -9.84 3.39 3.58
CA THR A 102 -10.96 4.29 3.88
C THR A 102 -11.69 4.80 2.63
N GLY A 103 -11.29 4.28 1.48
CA GLY A 103 -11.96 4.56 0.21
C GLY A 103 -11.32 3.71 -0.87
N HIS A 104 -11.56 4.06 -2.14
CA HIS A 104 -10.99 3.29 -3.25
C HIS A 104 -9.45 3.24 -3.21
N ALA A 105 -8.91 2.15 -3.75
CA ALA A 105 -7.46 1.99 -3.82
C ALA A 105 -7.12 1.52 -5.24
N ILE A 106 -6.53 2.41 -6.02
CA ILE A 106 -6.37 2.16 -7.46
C ILE A 106 -4.88 2.17 -7.84
N ALA A 107 -4.46 1.18 -8.63
CA ALA A 107 -3.10 1.12 -9.11
C ALA A 107 -2.10 1.13 -7.95
N MET A 108 -1.17 2.08 -7.88
CA MET A 108 -0.21 2.05 -6.77
C MET A 108 -0.92 2.14 -5.41
N GLY A 109 -2.12 2.70 -5.39
CA GLY A 109 -2.91 2.71 -4.17
C GLY A 109 -3.24 1.29 -3.75
N ALA A 110 -3.61 0.45 -4.72
CA ALA A 110 -3.87 -0.96 -4.44
C ALA A 110 -2.58 -1.69 -4.11
N PHE A 111 -1.48 -1.33 -4.77
CA PHE A 111 -0.22 -2.02 -4.48
C PHE A 111 0.23 -1.69 -3.06
N LEU A 112 0.07 -0.43 -2.68
CA LEU A 112 0.42 0.00 -1.33
C LEU A 112 -0.43 -0.71 -0.25
N LEU A 113 -1.74 -0.79 -0.50
CA LEU A 113 -2.66 -1.47 0.39
C LEU A 113 -2.19 -2.91 0.62
N SER A 114 -1.68 -3.52 -0.44
CA SER A 114 -1.31 -4.93 -0.43
C SER A 114 -0.03 -5.18 0.35
N CYS A 115 0.55 -4.12 0.90
CA CYS A 115 1.74 -4.23 1.75
C CYS A 115 1.46 -4.30 3.25
N GLY A 116 0.19 -4.23 3.65
CA GLY A 116 -0.11 -4.35 5.06
C GLY A 116 -0.24 -5.81 5.47
N ASP A 117 0.14 -6.11 6.71
CA ASP A 117 -0.10 -7.44 7.28
C ASP A 117 -1.60 -7.75 7.35
N HIS A 118 -2.38 -6.72 7.67
CA HIS A 118 -3.83 -6.84 7.81
C HIS A 118 -4.47 -5.65 7.14
N ARG A 119 -5.47 -5.91 6.29
CA ARG A 119 -6.08 -4.86 5.49
C ARG A 119 -7.59 -4.81 5.73
N VAL A 120 -8.08 -3.65 6.15
CA VAL A 120 -9.52 -3.47 6.45
C VAL A 120 -10.14 -2.49 5.46
N ALA A 121 -11.27 -2.86 4.86
CA ALA A 121 -11.98 -1.98 3.93
C ALA A 121 -13.48 -2.08 4.12
N ALA A 122 -14.21 -1.13 3.53
CA ALA A 122 -15.67 -1.22 3.52
C ALA A 122 -16.12 -1.85 2.20
N HIS A 123 -17.34 -2.36 2.18
CA HIS A 123 -17.84 -3.18 1.08
C HIS A 123 -17.86 -2.42 -0.25
N ALA A 124 -18.02 -1.11 -0.19
CA ALA A 124 -18.25 -0.31 -1.39
C ALA A 124 -16.96 0.23 -2.02
N TYR A 125 -15.81 -0.10 -1.45
CA TYR A 125 -14.55 0.48 -1.93
C TYR A 125 -13.95 -0.39 -3.02
N ASN A 126 -13.72 0.21 -4.19
CA ASN A 126 -13.07 -0.46 -5.31
C ASN A 126 -11.57 -0.59 -5.12
N ILE A 127 -11.05 -1.78 -5.41
CA ILE A 127 -9.62 -2.04 -5.37
C ILE A 127 -9.26 -2.63 -6.74
N GLN A 128 -8.35 -1.97 -7.46
CA GLN A 128 -8.13 -2.33 -8.85
C GLN A 128 -6.77 -1.90 -9.34
N ALA A 129 -6.08 -2.80 -10.03
CA ALA A 129 -4.93 -2.40 -10.84
C ALA A 129 -5.49 -2.08 -12.22
N ASN A 130 -5.73 -0.80 -12.50
CA ASN A 130 -6.38 -0.40 -13.75
C ASN A 130 -5.38 -0.18 -14.89
N GLU A 131 -4.12 -0.52 -14.64
CA GLU A 131 -3.05 -0.24 -15.58
C GLU A 131 -3.37 -0.73 -17.00
N VAL A 132 -3.76 -1.99 -17.13
CA VAL A 132 -4.00 -2.54 -18.47
C VAL A 132 -5.17 -1.83 -19.16
N ALA A 133 -6.15 -1.41 -18.37
CA ALA A 133 -7.31 -0.69 -18.90
C ALA A 133 -6.92 0.65 -19.50
N ILE A 134 -5.93 1.32 -18.91
CA ILE A 134 -5.58 2.66 -19.37
CA ILE A 134 -5.57 2.66 -19.36
C ILE A 134 -4.32 2.71 -20.26
N GLY A 135 -3.76 1.55 -20.56
CA GLY A 135 -2.63 1.48 -21.48
C GLY A 135 -1.23 1.36 -20.88
N MET A 136 -1.14 0.82 -19.68
CA MET A 136 0.16 0.58 -19.09
C MET A 136 0.35 -0.89 -18.77
N THR A 137 1.52 -1.43 -19.15
CA THR A 137 1.89 -2.79 -18.76
C THR A 137 2.31 -2.75 -17.29
N ILE A 138 1.82 -3.69 -16.48
CA ILE A 138 2.12 -3.63 -15.05
C ILE A 138 3.61 -3.91 -14.71
N PRO A 139 4.25 -3.00 -13.97
CA PRO A 139 5.66 -3.23 -13.62
C PRO A 139 5.84 -4.53 -12.82
N TYR A 140 6.97 -5.17 -12.99
CA TYR A 140 7.28 -6.40 -12.24
C TYR A 140 7.20 -6.25 -10.73
N ALA A 141 7.63 -5.09 -10.21
CA ALA A 141 7.53 -4.83 -8.77
C ALA A 141 6.08 -4.93 -8.31
N ALA A 142 5.17 -4.37 -9.11
CA ALA A 142 3.75 -4.39 -8.76
C ALA A 142 3.19 -5.79 -8.92
N LEU A 143 3.61 -6.49 -9.97
CA LEU A 143 3.17 -7.87 -10.15
C LEU A 143 3.54 -8.73 -8.95
N GLU A 144 4.75 -8.57 -8.44
CA GLU A 144 5.21 -9.42 -7.33
C GLU A 144 4.51 -9.09 -6.01
N ILE A 145 4.22 -7.81 -5.80
CA ILE A 145 3.39 -7.38 -4.66
C ILE A 145 2.04 -8.08 -4.70
N MET A 146 1.35 -8.01 -5.83
CA MET A 146 0.05 -8.67 -5.95
C MET A 146 0.15 -10.19 -5.85
N LYS A 147 1.21 -10.75 -6.44
CA LYS A 147 1.34 -12.21 -6.48
C LYS A 147 1.44 -12.81 -5.08
N LEU A 148 1.94 -12.03 -4.13
CA LEU A 148 2.13 -12.48 -2.76
C LEU A 148 0.80 -12.60 -2.01
N ARG A 149 -0.23 -11.89 -2.48
CA ARG A 149 -1.51 -11.83 -1.75
C ARG A 149 -2.70 -12.42 -2.49
N LEU A 150 -2.74 -12.28 -3.82
CA LEU A 150 -3.92 -12.70 -4.60
C LEU A 150 -3.98 -14.20 -4.88
N THR A 151 -5.18 -14.80 -4.85
CA THR A 151 -5.28 -16.20 -5.22
C THR A 151 -4.82 -16.33 -6.66
N ARG A 152 -4.51 -17.55 -7.07
CA ARG A 152 -3.99 -17.75 -8.42
C ARG A 152 -4.92 -17.16 -9.49
N SER A 153 -6.22 -17.42 -9.37
CA SER A 153 -7.15 -16.95 -10.40
C SER A 153 -7.43 -15.43 -10.28
N ALA A 154 -7.43 -14.90 -9.07
CA ALA A 154 -7.60 -13.46 -8.89
C ALA A 154 -6.40 -12.70 -9.47
N TYR A 155 -5.22 -13.29 -9.32
CA TYR A 155 -4.00 -12.68 -9.82
C TYR A 155 -4.06 -12.56 -11.35
N GLN A 156 -4.50 -13.62 -12.01
CA GLN A 156 -4.71 -13.55 -13.45
C GLN A 156 -5.67 -12.42 -13.84
N GLN A 157 -6.84 -12.34 -13.22
CA GLN A 157 -7.81 -11.34 -13.63
C GLN A 157 -7.43 -9.92 -13.23
N ALA A 158 -6.82 -9.78 -12.06
CA ALA A 158 -6.48 -8.45 -11.56
C ALA A 158 -5.44 -7.79 -12.45
N THR A 159 -4.59 -8.60 -13.05
CA THR A 159 -3.47 -8.09 -13.84
C THR A 159 -3.88 -7.93 -15.30
N GLY A 160 -3.96 -9.05 -16.01
CA GLY A 160 -4.33 -9.03 -17.42
C GLY A 160 -5.66 -8.36 -17.76
N LEU A 161 -6.65 -8.47 -16.86
CA LEU A 161 -7.99 -7.93 -17.16
C LEU A 161 -8.37 -6.66 -16.37
N ALA A 162 -7.40 -6.11 -15.64
CA ALA A 162 -7.64 -4.92 -14.83
C ALA A 162 -8.93 -5.03 -14.01
N LYS A 163 -9.21 -6.21 -13.49
CA LYS A 163 -10.50 -6.44 -12.83
C LYS A 163 -10.63 -5.62 -11.54
N THR A 164 -11.84 -5.10 -11.30
CA THR A 164 -12.13 -4.37 -10.06
C THR A 164 -12.71 -5.32 -9.03
N PHE A 165 -12.18 -5.25 -7.81
CA PHE A 165 -12.66 -6.06 -6.70
C PHE A 165 -13.20 -5.13 -5.62
N PHE A 166 -14.08 -5.65 -4.78
CA PHE A 166 -14.61 -4.89 -3.66
C PHE A 166 -15.24 -5.85 -2.68
N GLY A 167 -15.26 -5.46 -1.41
CA GLY A 167 -16.02 -6.20 -0.42
C GLY A 167 -15.75 -7.70 -0.43
N GLU A 168 -16.79 -8.50 -0.59
CA GLU A 168 -16.64 -9.95 -0.54
C GLU A 168 -15.72 -10.49 -1.63
N THR A 169 -15.76 -9.89 -2.82
CA THR A 169 -14.89 -10.37 -3.89
C THR A 169 -13.42 -10.02 -3.62
N ALA A 170 -13.15 -8.86 -3.01
CA ALA A 170 -11.80 -8.48 -2.61
C ALA A 170 -11.27 -9.39 -1.50
N LEU A 171 -12.16 -9.74 -0.58
CA LEU A 171 -11.79 -10.60 0.55
C LEU A 171 -11.44 -11.99 0.01
N ALA A 172 -12.30 -12.51 -0.87
CA ALA A 172 -12.07 -13.83 -1.45
C ALA A 172 -10.75 -13.85 -2.25
N ALA A 173 -10.51 -12.78 -3.02
CA ALA A 173 -9.34 -12.69 -3.88
C ALA A 173 -8.01 -12.54 -3.13
N GLY A 174 -8.07 -11.98 -1.93
CA GLY A 174 -6.85 -11.65 -1.22
C GLY A 174 -6.38 -10.20 -1.38
N PHE A 175 -7.28 -9.31 -1.79
CA PHE A 175 -6.96 -7.88 -1.84
C PHE A 175 -7.22 -7.20 -0.48
N ILE A 176 -8.03 -7.84 0.36
CA ILE A 176 -8.22 -7.38 1.74
C ILE A 176 -8.39 -8.59 2.66
N ASP A 177 -8.33 -8.33 3.97
CA ASP A 177 -8.47 -9.39 4.98
C ASP A 177 -9.71 -9.23 5.84
N GLU A 178 -10.27 -8.04 5.87
CA GLU A 178 -11.42 -7.79 6.72
C GLU A 178 -12.31 -6.71 6.13
N ILE A 179 -13.63 -6.91 6.25
CA ILE A 179 -14.60 -5.90 5.81
C ILE A 179 -15.29 -5.30 7.01
N ALA A 180 -15.41 -3.97 7.02
CA ALA A 180 -16.13 -3.27 8.08
C ALA A 180 -16.97 -2.16 7.47
N LEU A 181 -17.96 -1.67 8.21
CA LEU A 181 -18.74 -0.54 7.73
C LEU A 181 -17.85 0.70 7.64
N PRO A 182 -18.13 1.60 6.68
CA PRO A 182 -17.25 2.75 6.45
C PRO A 182 -16.87 3.49 7.74
N GLU A 183 -17.84 3.70 8.62
CA GLU A 183 -17.67 4.54 9.81
C GLU A 183 -16.80 3.90 10.90
N VAL A 184 -16.47 2.62 10.74
CA VAL A 184 -15.61 1.95 11.72
C VAL A 184 -14.38 1.30 11.09
N VAL A 185 -14.11 1.59 9.82
CA VAL A 185 -12.90 1.07 9.19
C VAL A 185 -11.65 1.46 9.97
N VAL A 186 -11.50 2.73 10.30
CA VAL A 186 -10.31 3.17 11.01
C VAL A 186 -10.27 2.58 12.43
N SER A 187 -11.39 2.65 13.15
CA SER A 187 -11.45 2.06 14.48
C SER A 187 -11.12 0.56 14.51
N ARG A 188 -11.64 -0.20 13.54
CA ARG A 188 -11.37 -1.63 13.48
C ARG A 188 -9.89 -1.89 13.19
N ALA A 189 -9.30 -1.08 12.31
CA ALA A 189 -7.88 -1.20 12.00
C ALA A 189 -7.02 -0.92 13.24
N GLU A 190 -7.41 0.09 14.02
CA GLU A 190 -6.67 0.42 15.25
C GLU A 190 -6.79 -0.72 16.25
N GLU A 191 -7.99 -1.24 16.39
CA GLU A 191 -8.24 -2.35 17.32
C GLU A 191 -7.39 -3.56 16.93
N ALA A 192 -7.34 -3.87 15.64
CA ALA A 192 -6.52 -4.95 15.14
C ALA A 192 -5.04 -4.69 15.42
N ALA A 193 -4.58 -3.47 15.14
CA ALA A 193 -3.18 -3.12 15.39
C ALA A 193 -2.82 -3.32 16.85
N ARG A 194 -3.71 -2.89 17.74
CA ARG A 194 -3.48 -3.08 19.18
C ARG A 194 -3.35 -4.56 19.54
N GLU A 195 -4.18 -5.39 18.92
CA GLU A 195 -4.08 -6.83 19.12
C GLU A 195 -2.72 -7.39 18.64
N PHE A 196 -2.33 -6.99 17.44
CA PHE A 196 -1.12 -7.53 16.84
C PHE A 196 0.12 -7.06 17.59
N ALA A 197 0.01 -5.91 18.26
CA ALA A 197 1.09 -5.41 19.08
C ALA A 197 1.35 -6.35 20.26
N GLY A 198 0.36 -7.19 20.58
CA GLY A 198 0.51 -8.18 21.64
C GLY A 198 1.20 -9.46 21.21
N LEU A 199 1.36 -9.65 19.90
CA LEU A 199 2.15 -10.78 19.39
C LEU A 199 3.61 -10.59 19.82
N ASN A 200 4.37 -11.67 19.87
CA ASN A 200 5.79 -11.53 20.13
C ASN A 200 6.42 -10.81 18.94
N GLN A 201 7.02 -9.64 19.18
CA GLN A 201 7.52 -8.82 18.08
C GLN A 201 8.69 -9.45 17.30
N HIS A 202 9.66 -10.01 18.02
CA HIS A 202 10.79 -10.69 17.38
C HIS A 202 10.35 -11.89 16.51
N ALA A 203 9.46 -12.73 17.05
CA ALA A 203 8.94 -13.87 16.27
C ALA A 203 8.12 -13.37 15.08
N HIS A 204 7.31 -12.34 15.29
CA HIS A 204 6.57 -11.73 14.18
C HIS A 204 7.51 -11.24 13.07
N ALA A 205 8.51 -10.44 13.43
CA ALA A 205 9.43 -9.89 12.44
C ALA A 205 10.19 -10.99 11.70
N ALA A 206 10.67 -11.99 12.42
CA ALA A 206 11.39 -13.09 11.78
C ALA A 206 10.46 -13.89 10.87
N THR A 207 9.27 -14.21 11.38
CA THR A 207 8.35 -15.09 10.65
C THR A 207 7.83 -14.41 9.38
N LYS A 208 7.54 -13.11 9.44
CA LYS A 208 7.00 -12.45 8.26
C LYS A 208 8.06 -12.41 7.17
N LEU A 209 9.32 -12.25 7.57
CA LEU A 209 10.41 -12.26 6.58
C LEU A 209 10.55 -13.62 5.92
N ARG A 210 10.51 -14.68 6.74
CA ARG A 210 10.53 -16.03 6.18
C ARG A 210 9.37 -16.26 5.21
N SER A 211 8.20 -15.73 5.54
CA SER A 211 7.00 -15.95 4.71
C SER A 211 6.96 -15.06 3.47
N ARG A 212 7.97 -14.20 3.31
CA ARG A 212 7.97 -13.21 2.23
C ARG A 212 9.29 -13.07 1.50
N ALA A 213 10.31 -13.83 1.92
CA ALA A 213 11.66 -13.61 1.42
C ALA A 213 11.75 -13.62 -0.10
N ASP A 214 11.11 -14.60 -0.73
CA ASP A 214 11.18 -14.72 -2.19
C ASP A 214 10.55 -13.51 -2.87
N ALA A 215 9.38 -13.10 -2.39
CA ALA A 215 8.70 -11.95 -2.94
C ALA A 215 9.52 -10.68 -2.75
N LEU A 216 10.10 -10.52 -1.56
CA LEU A 216 10.91 -9.34 -1.30
C LEU A 216 12.10 -9.22 -2.27
N THR A 217 12.76 -10.34 -2.52
CA THR A 217 13.87 -10.37 -3.47
C THR A 217 13.41 -10.04 -4.90
N ALA A 218 12.25 -10.56 -5.28
CA ALA A 218 11.69 -10.29 -6.62
C ALA A 218 11.25 -8.82 -6.75
N ILE A 219 10.65 -8.30 -5.68
CA ILE A 219 10.28 -6.87 -5.63
C ILE A 219 11.50 -5.97 -5.71
N ARG A 220 12.54 -6.33 -4.95
CA ARG A 220 13.81 -5.62 -5.03
C ARG A 220 14.36 -5.59 -6.46
N ALA A 221 14.28 -6.73 -7.16
CA ALA A 221 14.74 -6.78 -8.54
C ALA A 221 13.91 -5.86 -9.43
N GLY A 222 12.61 -5.84 -9.14
CA GLY A 222 11.67 -5.03 -9.89
C GLY A 222 11.94 -3.55 -9.67
N ILE A 223 12.31 -3.20 -8.43
CA ILE A 223 12.69 -1.83 -8.12
C ILE A 223 13.97 -1.44 -8.82
N ASP A 224 15.00 -2.27 -8.67
CA ASP A 224 16.31 -1.96 -9.22
C ASP A 224 16.32 -1.96 -10.75
N GLY A 225 15.45 -2.75 -11.35
CA GLY A 225 15.40 -2.82 -12.82
C GLY A 225 14.28 -2.01 -13.42
N ILE A 226 13.63 -1.18 -12.61
CA ILE A 226 12.48 -0.42 -13.07
C ILE A 226 12.79 0.41 -14.33
N ALA A 227 13.96 1.05 -14.35
CA ALA A 227 14.35 1.87 -15.50
C ALA A 227 14.42 1.02 -16.76
N ALA A 228 14.91 -0.21 -16.59
CA ALA A 228 15.07 -1.12 -17.71
C ALA A 228 13.75 -1.52 -18.38
N GLU A 229 12.64 -1.49 -17.63
CA GLU A 229 11.34 -1.78 -18.25
C GLU A 229 11.05 -0.74 -19.34
N PHE A 230 11.56 0.46 -19.15
CA PHE A 230 11.33 1.54 -20.11
C PHE A 230 12.53 1.80 -21.01
N GLY A 231 13.52 0.91 -20.96
CA GLY A 231 14.70 1.02 -21.80
C GLY A 231 15.62 2.17 -21.42
N LEU A 232 15.83 2.34 -20.12
CA LEU A 232 16.71 3.40 -19.63
C LEU A 232 17.82 2.84 -18.75
#